data_2PX4
#
_entry.id   2PX4
#
_cell.length_a   46.400
_cell.length_b   68.200
_cell.length_c   50.200
_cell.angle_alpha   90.00
_cell.angle_beta   115.60
_cell.angle_gamma   90.00
#
_symmetry.space_group_name_H-M   'P 1 21 1'
#
loop_
_entity.id
_entity.type
_entity.pdbx_description
1 polymer 'Genome polyprotein [Contains: Capsid protein C (Core protein); Envelope protein M (Matrix protein); Major envelope protein E; Non-structural protein 1 (NS1); Non-structural protein 2A (NS2A); Flavivirin protease NS2B regulatory subunit; Flavivirin protease NS3 catalytic subunit; Non-structural protein 4A (NS4A); Non-structural protein 4B (NS4B); RNA-directed RNA polymerase (EC 2.7.7.48) (NS5)]'
2 non-polymer 'CHLORIDE ION'
3 non-polymer 'SULFATE ION'
4 non-polymer 'UNKNOWN ATOM OR ION'
5 non-polymer S-ADENOSYL-L-HOMOCYSTEINE
6 non-polymer GLYCEROL
7 water water
#
_entity_poly.entity_id   1
_entity_poly.type   'polypeptide(L)'
_entity_poly.pdbx_seq_one_letter_code
;GRAGGRTLGEQWKEKLNAMGKEEFFSYRKEAILEVDRTEARRARREGNKVGGHPVSRGTAKLRWLVERRFVQPIGKVVDL
GCGRGGWSYYAATMKNVQEVRGYTKGGPGHEEPMLMQSYGWNIVTMKSGVDVFYKPSEISDTLLCDIGESSPSAEIEEQR
TLRILEMVSDWLSRGPKEFCIKILCPYMPKVIEKLESLQRRFGGGLVRVPLSRNSNHEMYWVSGASGNIVHAVNMTSQVL
IGRMDKKIWKGPKYEEDVNLGSGTRAVGK
;
_entity_poly.pdbx_strand_id   A
#
loop_
_chem_comp.id
_chem_comp.type
_chem_comp.name
_chem_comp.formula
CL non-polymer 'CHLORIDE ION' 'Cl -1'
GOL non-polymer GLYCEROL 'C3 H8 O3'
SO4 non-polymer 'SULFATE ION' 'O4 S -2'
UNX non-polymer 'UNKNOWN ATOM OR ION' ?
#
# COMPACT_ATOMS: atom_id res chain seq x y z
N ARG A 6 21.92 15.39 -5.26
CA ARG A 6 20.90 14.35 -4.91
C ARG A 6 19.47 14.87 -5.04
N THR A 7 18.52 13.94 -5.09
CA THR A 7 17.11 14.27 -5.19
C THR A 7 16.60 14.85 -3.87
N LEU A 8 15.48 15.55 -3.93
CA LEU A 8 14.82 16.08 -2.73
C LEU A 8 14.43 14.96 -1.75
N GLY A 9 14.01 13.83 -2.29
CA GLY A 9 13.66 12.68 -1.46
C GLY A 9 14.84 12.18 -0.66
N GLU A 10 16.03 12.22 -1.26
CA GLU A 10 17.25 11.81 -0.57
C GLU A 10 17.58 12.76 0.56
N GLN A 11 17.36 14.06 0.32
CA GLN A 11 17.51 15.08 1.35
C GLN A 11 16.52 14.84 2.48
N TRP A 12 15.25 14.63 2.14
CA TRP A 12 14.22 14.27 3.13
C TRP A 12 14.72 13.11 4.00
N LYS A 13 15.14 12.04 3.35
CA LYS A 13 15.59 10.80 4.00
C LYS A 13 16.69 11.03 5.04
N GLU A 14 17.71 11.79 4.64
CA GLU A 14 18.82 12.12 5.53
C GLU A 14 18.35 12.92 6.74
N LYS A 15 17.52 13.93 6.50
CA LYS A 15 16.94 14.73 7.59
C LYS A 15 16.07 13.89 8.53
N LEU A 16 15.31 12.95 7.96
CA LEU A 16 14.51 12.03 8.77
C LEU A 16 15.42 11.20 9.67
N ASN A 17 16.52 10.71 9.11
CA ASN A 17 17.46 9.86 9.85
C ASN A 17 18.20 10.60 10.96
N ALA A 18 18.28 11.92 10.86
CA ALA A 18 18.97 12.75 11.85
C ALA A 18 18.06 13.17 13.01
N MET A 19 16.76 12.89 12.92
CA MET A 19 15.79 13.37 13.90
C MET A 19 15.91 12.68 15.25
N GLY A 20 15.56 13.42 16.30
CA GLY A 20 15.46 12.87 17.64
C GLY A 20 14.17 12.10 17.82
N LYS A 21 14.04 11.43 18.96
CA LYS A 21 12.90 10.57 19.26
C LYS A 21 11.58 11.33 19.28
N GLU A 22 11.47 12.33 20.15
CA GLU A 22 10.22 13.09 20.26
C GLU A 22 9.88 13.82 18.97
N GLU A 23 10.90 14.39 18.34
CA GLU A 23 10.75 15.07 17.06
C GLU A 23 10.19 14.11 16.03
N PHE A 24 10.81 12.94 15.92
CA PHE A 24 10.36 11.90 14.98
C PHE A 24 8.91 11.52 15.21
N PHE A 25 8.54 11.28 16.46
CA PHE A 25 7.19 10.84 16.76
C PHE A 25 6.13 11.92 16.52
N SER A 26 6.49 13.18 16.75
CA SER A 26 5.61 14.28 16.37
C SER A 26 5.51 14.42 14.84
N TYR A 27 6.66 14.38 14.17
CA TYR A 27 6.74 14.55 12.71
C TYR A 27 5.98 13.52 11.89
N ARG A 28 6.08 12.24 12.26
CA ARG A 28 5.50 11.19 11.43
C ARG A 28 3.99 11.31 11.24
N LYS A 29 3.29 11.92 12.20
CA LYS A 29 1.82 12.12 12.12
C LYS A 29 1.39 13.56 11.84
N GLU A 30 2.34 14.44 11.50
CA GLU A 30 2.01 15.86 11.27
C GLU A 30 1.23 16.08 9.97
N ALA A 31 -0.01 16.55 10.13
CA ALA A 31 -0.90 16.87 9.02
C ALA A 31 -1.25 15.68 8.12
N ILE A 32 -1.07 14.45 8.63
CA ILE A 32 -1.52 13.27 7.89
C ILE A 32 -2.98 12.99 8.21
N LEU A 33 -3.61 12.22 7.34
CA LEU A 33 -4.93 11.66 7.59
C LEU A 33 -4.71 10.37 8.39
N GLU A 34 -5.49 10.16 9.44
CA GLU A 34 -5.30 8.98 10.28
C GLU A 34 -6.62 8.30 10.63
N VAL A 35 -6.67 6.99 10.52
CA VAL A 35 -7.83 6.23 10.96
C VAL A 35 -7.72 5.97 12.48
N ASP A 36 -8.84 6.17 13.17
CA ASP A 36 -8.95 5.86 14.58
C ASP A 36 -8.98 4.34 14.77
N ARG A 37 -7.79 3.75 14.90
CA ARG A 37 -7.67 2.28 14.93
C ARG A 37 -7.94 1.68 16.31
N THR A 38 -8.01 2.52 17.34
CA THR A 38 -8.26 2.07 18.72
C THR A 38 -9.36 1.01 18.82
N GLU A 39 -10.53 1.31 18.25
CA GLU A 39 -11.68 0.40 18.32
C GLU A 39 -11.45 -0.92 17.57
N ALA A 40 -10.80 -0.84 16.41
CA ALA A 40 -10.52 -2.02 15.60
C ALA A 40 -9.46 -2.91 16.24
N ARG A 41 -8.35 -2.30 16.64
CA ARG A 41 -7.21 -3.06 17.16
C ARG A 41 -7.41 -3.57 18.60
N ARG A 42 -8.41 -3.05 19.30
CA ARG A 42 -8.76 -3.58 20.63
C ARG A 42 -9.46 -4.95 20.49
N ALA A 43 -9.99 -5.23 19.31
CA ALA A 43 -10.59 -6.52 19.00
C ALA A 43 -9.57 -7.51 18.41
N ARG A 44 -8.29 -7.35 18.76
CA ARG A 44 -7.23 -8.26 18.29
C ARG A 44 -7.10 -9.47 19.20
N ARG A 45 -7.16 -9.25 20.51
CA ARG A 45 -7.08 -10.34 21.49
C ARG A 45 -8.36 -11.16 21.52
N GLU A 46 -9.45 -10.56 21.03
CA GLU A 46 -10.76 -11.21 20.98
C GLU A 46 -10.92 -12.02 19.70
N LYS A 49 -14.90 -11.51 14.87
CA LYS A 49 -14.53 -11.55 13.45
C LYS A 49 -15.68 -11.18 12.49
N VAL A 50 -16.85 -10.84 13.05
CA VAL A 50 -18.04 -10.50 12.27
C VAL A 50 -18.45 -9.03 12.49
N GLY A 51 -17.61 -8.27 13.20
CA GLY A 51 -17.89 -6.86 13.49
C GLY A 51 -17.48 -5.87 12.41
N GLY A 52 -16.87 -6.35 11.33
CA GLY A 52 -16.46 -5.50 10.20
C GLY A 52 -15.24 -4.63 10.46
N HIS A 53 -14.52 -4.91 11.55
CA HIS A 53 -13.33 -4.15 11.94
C HIS A 53 -12.15 -4.62 11.10
N PRO A 54 -11.52 -3.72 10.33
CA PRO A 54 -10.42 -4.20 9.49
C PRO A 54 -9.24 -4.72 10.29
N VAL A 55 -8.51 -5.69 9.75
CA VAL A 55 -7.39 -6.32 10.45
C VAL A 55 -6.16 -5.40 10.54
N SER A 56 -6.06 -4.42 9.65
CA SER A 56 -4.96 -3.45 9.65
C SER A 56 -5.39 -2.06 9.17
N ARG A 57 -4.51 -1.08 9.33
CA ARG A 57 -4.77 0.27 8.79
C ARG A 57 -4.57 0.32 7.27
N GLY A 58 -4.05 -0.75 6.69
CA GLY A 58 -3.89 -0.85 5.22
C GLY A 58 -5.20 -0.74 4.47
N THR A 59 -6.26 -1.32 5.04
CA THR A 59 -7.60 -1.25 4.45
C THR A 59 -8.03 0.18 4.13
N ALA A 60 -7.77 1.08 5.06
CA ALA A 60 -8.13 2.48 4.92
C ALA A 60 -7.38 3.14 3.76
N LYS A 61 -6.13 2.74 3.54
CA LYS A 61 -5.35 3.23 2.41
C LYS A 61 -5.95 2.80 1.09
N LEU A 62 -6.36 1.53 1.01
CA LEU A 62 -6.95 1.02 -0.23
C LEU A 62 -8.32 1.66 -0.49
N ARG A 63 -9.13 1.82 0.55
CA ARG A 63 -10.40 2.55 0.41
C ARG A 63 -10.17 3.94 -0.16
N TRP A 64 -9.16 4.63 0.38
CA TRP A 64 -8.86 5.99 -0.03
C TRP A 64 -8.66 6.04 -1.54
N LEU A 65 -7.87 5.10 -2.06
CA LEU A 65 -7.61 5.00 -3.49
C LEU A 65 -8.85 4.61 -4.32
N VAL A 66 -9.59 3.62 -3.84
CA VAL A 66 -10.77 3.11 -4.53
C VAL A 66 -11.89 4.15 -4.55
N GLU A 67 -12.09 4.80 -3.42
CA GLU A 67 -13.09 5.86 -3.26
C GLU A 67 -12.91 7.02 -4.24
N ARG A 68 -11.69 7.21 -4.73
CA ARG A 68 -11.32 8.26 -5.67
C ARG A 68 -11.08 7.70 -7.07
N ARG A 69 -11.43 6.43 -7.27
CA ARG A 69 -11.34 5.75 -8.56
C ARG A 69 -9.92 5.66 -9.15
N PHE A 70 -8.90 5.66 -8.28
CA PHE A 70 -7.53 5.41 -8.71
C PHE A 70 -7.31 3.93 -9.02
N VAL A 71 -8.09 3.07 -8.38
CA VAL A 71 -8.14 1.66 -8.74
C VAL A 71 -9.56 1.14 -8.48
N GLN A 72 -10.02 0.24 -9.36
CA GLN A 72 -11.38 -0.30 -9.28
C GLN A 72 -11.34 -1.83 -9.41
N PRO A 73 -11.07 -2.54 -8.30
CA PRO A 73 -10.94 -4.00 -8.32
C PRO A 73 -12.09 -4.73 -9.01
N ILE A 74 -11.76 -5.77 -9.76
CA ILE A 74 -12.71 -6.49 -10.58
C ILE A 74 -12.22 -7.92 -10.80
N GLY A 75 -13.15 -8.85 -11.00
CA GLY A 75 -12.82 -10.23 -11.30
C GLY A 75 -11.94 -10.88 -10.25
N LYS A 76 -10.92 -11.62 -10.72
CA LYS A 76 -9.97 -12.29 -9.84
C LYS A 76 -8.91 -11.29 -9.39
N VAL A 77 -8.83 -11.08 -8.08
CA VAL A 77 -7.86 -10.19 -7.47
C VAL A 77 -6.71 -11.00 -6.90
N VAL A 78 -5.48 -10.65 -7.25
CA VAL A 78 -4.29 -11.20 -6.61
C VAL A 78 -3.65 -10.13 -5.73
N ASP A 79 -3.42 -10.47 -4.45
CA ASP A 79 -2.90 -9.56 -3.45
C ASP A 79 -1.53 -10.06 -2.97
N LEU A 80 -0.47 -9.46 -3.50
CA LEU A 80 0.90 -9.85 -3.19
C LEU A 80 1.39 -9.14 -1.94
N GLY A 81 1.91 -9.92 -0.99
CA GLY A 81 2.26 -9.40 0.32
C GLY A 81 1.00 -9.01 1.08
N CYS A 82 0.06 -9.95 1.18
CA CYS A 82 -1.25 -9.67 1.76
C CYS A 82 -1.20 -9.43 3.28
N GLY A 83 -0.12 -9.87 3.92
CA GLY A 83 0.03 -9.77 5.37
C GLY A 83 -1.17 -10.39 6.08
N ARG A 84 -1.74 -9.64 7.02
CA ARG A 84 -2.94 -10.08 7.75
C ARG A 84 -4.19 -10.08 6.89
N GLY A 85 -4.17 -9.38 5.76
CA GLY A 85 -5.26 -9.41 4.78
C GLY A 85 -6.13 -8.18 4.70
N GLY A 86 -5.60 -7.02 5.09
CA GLY A 86 -6.37 -5.78 5.06
C GLY A 86 -6.88 -5.43 3.68
N TRP A 87 -6.04 -5.59 2.67
CA TRP A 87 -6.43 -5.32 1.28
C TRP A 87 -7.28 -6.43 0.72
N SER A 88 -6.95 -7.67 1.06
CA SER A 88 -7.70 -8.82 0.56
C SER A 88 -9.17 -8.78 0.97
N TYR A 89 -9.41 -8.56 2.26
CA TYR A 89 -10.79 -8.47 2.76
C TYR A 89 -11.55 -7.23 2.28
N TYR A 90 -10.82 -6.15 1.99
CA TYR A 90 -11.47 -4.98 1.40
C TYR A 90 -11.90 -5.27 -0.05
N ALA A 91 -11.03 -5.94 -0.79
CA ALA A 91 -11.31 -6.28 -2.18
C ALA A 91 -12.57 -7.15 -2.29
N ALA A 92 -12.74 -8.04 -1.33
CA ALA A 92 -13.88 -8.94 -1.26
C ALA A 92 -15.23 -8.22 -1.13
N THR A 93 -15.23 -6.96 -0.71
CA THR A 93 -16.46 -6.18 -0.58
C THR A 93 -16.79 -5.37 -1.85
N MET A 94 -15.96 -5.48 -2.88
CA MET A 94 -16.17 -4.73 -4.12
C MET A 94 -17.20 -5.44 -5.01
N LYS A 95 -18.11 -4.67 -5.58
CA LYS A 95 -19.21 -5.16 -6.41
C LYS A 95 -18.80 -6.20 -7.45
N ASN A 96 -17.82 -5.86 -8.29
CA ASN A 96 -17.48 -6.69 -9.46
C ASN A 96 -16.33 -7.69 -9.21
N VAL A 97 -15.89 -7.82 -7.96
CA VAL A 97 -14.88 -8.80 -7.60
C VAL A 97 -15.51 -10.18 -7.43
N GLN A 98 -14.84 -11.20 -7.97
CA GLN A 98 -15.34 -12.58 -7.93
C GLN A 98 -14.49 -13.51 -7.08
N GLU A 99 -13.22 -13.20 -6.93
CA GLU A 99 -12.30 -14.05 -6.19
C GLU A 99 -11.13 -13.22 -5.73
N VAL A 100 -10.62 -13.51 -4.53
CA VAL A 100 -9.42 -12.85 -4.02
C VAL A 100 -8.40 -13.89 -3.57
N ARG A 101 -7.18 -13.76 -4.08
CA ARG A 101 -6.10 -14.67 -3.77
C ARG A 101 -4.97 -13.82 -3.18
N GLY A 102 -4.64 -14.10 -1.93
CA GLY A 102 -3.58 -13.38 -1.23
C GLY A 102 -2.39 -14.30 -1.04
N TYR A 103 -1.19 -13.72 -1.15
CA TYR A 103 0.05 -14.43 -0.87
C TYR A 103 0.90 -13.58 0.04
N THR A 104 1.49 -14.23 1.04
CA THR A 104 2.37 -13.54 1.98
C THR A 104 3.41 -14.51 2.55
N LYS A 105 4.54 -13.98 2.99
CA LYS A 105 5.65 -14.82 3.42
C LYS A 105 5.40 -15.42 4.80
N GLY A 106 4.86 -14.63 5.72
CA GLY A 106 4.64 -15.08 7.09
C GLY A 106 5.93 -15.48 7.79
N GLY A 107 5.81 -16.38 8.75
CA GLY A 107 6.93 -16.84 9.53
C GLY A 107 7.32 -15.82 10.57
N PRO A 108 8.33 -16.14 11.40
CA PRO A 108 8.80 -15.24 12.45
C PRO A 108 9.07 -13.82 11.95
N GLY A 109 8.62 -12.85 12.74
CA GLY A 109 8.86 -11.45 12.44
C GLY A 109 7.94 -10.86 11.38
N HIS A 110 7.01 -11.64 10.87
CA HIS A 110 6.14 -11.17 9.80
C HIS A 110 4.70 -11.58 10.04
N GLU A 111 3.79 -10.87 9.37
CA GLU A 111 2.37 -11.03 9.59
C GLU A 111 1.84 -12.32 8.95
N GLU A 112 1.01 -13.03 9.71
CA GLU A 112 0.26 -14.16 9.19
C GLU A 112 -1.14 -13.68 8.80
N PRO A 113 -1.71 -14.25 7.71
CA PRO A 113 -3.10 -13.95 7.37
C PRO A 113 -4.05 -14.20 8.55
N MET A 114 -4.93 -13.24 8.82
CA MET A 114 -5.95 -13.38 9.85
C MET A 114 -7.24 -13.81 9.18
N LEU A 115 -7.78 -14.96 9.56
CA LEU A 115 -9.06 -15.37 9.04
C LEU A 115 -10.16 -14.52 9.67
N MET A 116 -10.93 -13.84 8.82
CA MET A 116 -12.05 -13.01 9.25
C MET A 116 -13.34 -13.48 8.60
N GLN A 117 -14.46 -13.04 9.16
CA GLN A 117 -15.77 -13.34 8.60
C GLN A 117 -16.47 -12.05 8.18
N SER A 118 -15.68 -11.13 7.61
CA SER A 118 -16.20 -9.92 7.01
C SER A 118 -16.91 -10.26 5.70
N TYR A 119 -17.62 -9.29 5.13
CA TYR A 119 -18.44 -9.55 3.95
C TYR A 119 -17.59 -10.05 2.79
N GLY A 120 -18.00 -11.17 2.20
CA GLY A 120 -17.28 -11.78 1.08
C GLY A 120 -16.13 -12.66 1.50
N TRP A 121 -16.10 -13.08 2.75
CA TRP A 121 -14.99 -13.90 3.26
C TRP A 121 -14.90 -15.22 2.51
N ASN A 122 -16.05 -15.69 2.03
CA ASN A 122 -16.12 -16.93 1.26
C ASN A 122 -15.36 -16.92 -0.06
N ILE A 123 -15.03 -15.74 -0.62
CA ILE A 123 -14.25 -15.70 -1.87
C ILE A 123 -12.77 -15.36 -1.65
N VAL A 124 -12.37 -15.26 -0.39
CA VAL A 124 -10.97 -14.97 -0.03
C VAL A 124 -10.20 -16.22 0.38
N THR A 125 -9.04 -16.41 -0.24
CA THR A 125 -8.09 -17.42 0.18
C THR A 125 -6.72 -16.72 0.23
N MET A 126 -6.07 -16.80 1.38
CA MET A 126 -4.74 -16.22 1.58
C MET A 126 -3.79 -17.34 1.96
N LYS A 127 -2.65 -17.43 1.27
CA LYS A 127 -1.65 -18.46 1.55
C LYS A 127 -0.38 -17.85 2.12
N SER A 128 0.03 -18.35 3.28
CA SER A 128 1.27 -17.95 3.93
C SER A 128 2.44 -18.84 3.48
N GLY A 129 3.65 -18.47 3.86
CA GLY A 129 4.86 -19.21 3.48
C GLY A 129 5.19 -19.07 2.01
N VAL A 130 4.77 -17.96 1.40
CA VAL A 130 5.05 -17.73 -0.02
C VAL A 130 5.90 -16.47 -0.19
N ASP A 131 7.15 -16.67 -0.61
CA ASP A 131 8.00 -15.58 -1.04
C ASP A 131 7.72 -15.37 -2.52
N VAL A 132 7.18 -14.20 -2.85
CA VAL A 132 6.72 -13.88 -4.20
C VAL A 132 7.85 -13.68 -5.21
N PHE A 133 9.07 -13.47 -4.71
CA PHE A 133 10.23 -13.38 -5.59
C PHE A 133 10.61 -14.73 -6.23
N TYR A 134 10.00 -15.81 -5.74
CA TYR A 134 10.20 -17.14 -6.32
C TYR A 134 8.89 -17.78 -6.83
N LYS A 135 7.81 -17.00 -6.83
CA LYS A 135 6.48 -17.51 -7.17
C LYS A 135 6.23 -17.19 -8.64
N PRO A 136 6.02 -18.23 -9.48
CA PRO A 136 5.63 -17.94 -10.86
C PRO A 136 4.31 -17.16 -10.94
N SER A 137 4.23 -16.26 -11.90
CA SER A 137 3.03 -15.43 -12.10
C SER A 137 1.81 -16.25 -12.49
N GLU A 138 0.63 -15.67 -12.28
CA GLU A 138 -0.65 -16.22 -12.69
C GLU A 138 -1.49 -15.12 -13.33
N ILE A 139 -2.49 -15.50 -14.11
CA ILE A 139 -3.42 -14.55 -14.70
C ILE A 139 -4.28 -13.92 -13.58
N SER A 140 -4.54 -12.62 -13.69
CA SER A 140 -5.44 -11.92 -12.79
C SER A 140 -6.10 -10.77 -13.54
N ASP A 141 -7.20 -10.27 -12.98
CA ASP A 141 -7.89 -9.07 -13.50
C ASP A 141 -7.51 -7.83 -12.71
N THR A 142 -7.21 -8.02 -11.43
CA THR A 142 -6.73 -6.94 -10.56
C THR A 142 -5.48 -7.42 -9.84
N LEU A 143 -4.39 -6.64 -9.94
CA LEU A 143 -3.15 -6.97 -9.22
C LEU A 143 -2.82 -5.93 -8.16
N LEU A 144 -2.83 -6.38 -6.91
CA LEU A 144 -2.42 -5.55 -5.79
C LEU A 144 -1.08 -6.05 -5.24
N CYS A 145 -0.26 -5.11 -4.81
CA CYS A 145 1.02 -5.43 -4.20
C CYS A 145 1.39 -4.33 -3.20
N ASP A 146 1.64 -4.72 -1.95
CA ASP A 146 1.91 -3.77 -0.89
C ASP A 146 3.25 -4.09 -0.21
N ILE A 147 4.20 -4.59 -0.99
CA ILE A 147 5.48 -5.03 -0.43
C ILE A 147 6.51 -3.90 -0.46
N GLY A 148 7.26 -3.78 0.64
CA GLY A 148 8.39 -2.85 0.72
C GLY A 148 8.91 -2.67 2.14
N GLU A 149 10.08 -3.23 2.43
CA GLU A 149 10.71 -3.09 3.75
C GLU A 149 11.52 -1.81 3.80
N SER A 150 11.23 -0.95 4.78
CA SER A 150 11.97 0.30 4.94
C SER A 150 13.43 0.09 5.36
N SER A 151 14.28 1.06 5.02
CA SER A 151 15.67 1.11 5.47
C SER A 151 16.09 2.57 5.58
N PRO A 152 17.00 2.88 6.51
CA PRO A 152 17.55 4.24 6.54
C PRO A 152 18.30 4.60 5.27
N SER A 153 18.76 3.59 4.54
CA SER A 153 19.51 3.77 3.30
C SER A 153 18.59 3.82 2.08
N ALA A 154 18.58 4.95 1.38
CA ALA A 154 17.83 5.09 0.13
C ALA A 154 18.35 4.14 -0.96
N GLU A 155 19.66 3.85 -0.95
CA GLU A 155 20.27 2.92 -1.89
C GLU A 155 19.78 1.48 -1.69
N ILE A 156 19.62 1.08 -0.43
CA ILE A 156 19.09 -0.23 -0.10
C ILE A 156 17.61 -0.31 -0.51
N GLU A 157 16.85 0.73 -0.18
CA GLU A 157 15.44 0.80 -0.56
C GLU A 157 15.27 0.81 -2.09
N GLU A 158 16.10 1.59 -2.77
CA GLU A 158 16.14 1.58 -4.25
C GLU A 158 16.26 0.16 -4.83
N GLN A 159 17.24 -0.60 -4.34
CA GLN A 159 17.42 -1.99 -4.80
C GLN A 159 16.22 -2.86 -4.48
N ARG A 160 15.67 -2.71 -3.28
CA ARG A 160 14.49 -3.47 -2.89
C ARG A 160 13.31 -3.13 -3.80
N THR A 161 13.18 -1.84 -4.13
CA THR A 161 12.10 -1.35 -4.99
C THR A 161 12.27 -1.87 -6.41
N LEU A 162 13.50 -1.88 -6.92
CA LEU A 162 13.73 -2.36 -8.28
C LEU A 162 13.42 -3.87 -8.37
N ARG A 163 13.68 -4.60 -7.29
CA ARG A 163 13.41 -6.03 -7.23
C ARG A 163 11.90 -6.28 -7.21
N ILE A 164 11.15 -5.45 -6.51
CA ILE A 164 9.69 -5.55 -6.49
C ILE A 164 9.10 -5.24 -7.87
N LEU A 165 9.62 -4.21 -8.52
CA LEU A 165 9.20 -3.83 -9.87
C LEU A 165 9.48 -4.90 -10.93
N GLU A 166 10.65 -5.51 -10.87
CA GLU A 166 10.98 -6.63 -11.74
C GLU A 166 9.99 -7.77 -11.55
N MET A 167 9.64 -8.04 -10.28
CA MET A 167 8.77 -9.14 -9.93
C MET A 167 7.32 -8.87 -10.37
N VAL A 168 6.84 -7.65 -10.15
CA VAL A 168 5.45 -7.31 -10.49
C VAL A 168 5.20 -7.19 -12.00
N SER A 169 6.24 -6.86 -12.76
CA SER A 169 6.15 -6.78 -14.22
C SER A 169 5.61 -8.07 -14.82
N ASP A 170 6.00 -9.21 -14.24
CA ASP A 170 5.52 -10.51 -14.71
C ASP A 170 4.03 -10.68 -14.54
N TRP A 171 3.50 -10.20 -13.41
CA TRP A 171 2.09 -10.28 -13.12
C TRP A 171 1.28 -9.32 -14.00
N LEU A 172 1.82 -8.12 -14.20
CA LEU A 172 1.16 -7.09 -15.02
C LEU A 172 1.07 -7.48 -16.49
N SER A 173 2.09 -8.18 -16.98
CA SER A 173 2.08 -8.70 -18.36
C SER A 173 0.99 -9.74 -18.59
N ARG A 174 0.43 -10.28 -17.50
CA ARG A 174 -0.70 -11.21 -17.59
C ARG A 174 -2.06 -10.53 -17.84
N GLY A 175 -2.06 -9.20 -17.97
CA GLY A 175 -3.25 -8.46 -18.41
C GLY A 175 -4.23 -7.90 -17.40
N PRO A 176 -3.85 -7.81 -16.10
CA PRO A 176 -4.76 -7.08 -15.24
C PRO A 176 -4.77 -5.59 -15.58
N LYS A 177 -5.96 -5.07 -15.88
CA LYS A 177 -6.12 -3.66 -16.22
C LYS A 177 -6.19 -2.79 -14.96
N GLU A 178 -6.53 -3.40 -13.83
CA GLU A 178 -6.61 -2.70 -12.56
C GLU A 178 -5.43 -3.14 -11.70
N PHE A 179 -4.65 -2.18 -11.20
CA PHE A 179 -3.57 -2.50 -10.30
C PHE A 179 -3.27 -1.39 -9.33
N CYS A 180 -2.61 -1.77 -8.23
CA CYS A 180 -2.22 -0.85 -7.17
C CYS A 180 -1.00 -1.45 -6.50
N ILE A 181 0.14 -0.81 -6.73
CA ILE A 181 1.44 -1.36 -6.35
C ILE A 181 2.20 -0.34 -5.50
N LYS A 182 2.60 -0.75 -4.31
CA LYS A 182 3.38 0.12 -3.43
C LYS A 182 4.80 0.29 -3.97
N ILE A 183 5.20 1.54 -4.11
CA ILE A 183 6.55 1.92 -4.52
C ILE A 183 7.23 2.47 -3.28
N LEU A 184 8.13 1.66 -2.72
CA LEU A 184 8.78 1.95 -1.44
C LEU A 184 9.58 3.25 -1.51
N CYS A 185 10.47 3.32 -2.50
CA CYS A 185 11.40 4.42 -2.66
C CYS A 185 11.28 4.99 -4.08
N PRO A 186 10.25 5.83 -4.33
CA PRO A 186 9.98 6.33 -5.68
C PRO A 186 10.93 7.44 -6.17
N TYR A 187 11.78 7.96 -5.28
CA TYR A 187 12.55 9.18 -5.55
C TYR A 187 13.99 8.93 -5.99
N MET A 188 14.45 7.67 -5.95
CA MET A 188 15.80 7.38 -6.42
C MET A 188 15.82 7.27 -7.94
N PRO A 189 16.84 7.89 -8.58
CA PRO A 189 16.97 7.96 -10.04
C PRO A 189 16.70 6.66 -10.80
N LYS A 190 17.33 5.56 -10.37
CA LYS A 190 17.11 4.25 -11.01
C LYS A 190 15.67 3.78 -10.91
N VAL A 191 15.00 4.08 -9.79
CA VAL A 191 13.58 3.73 -9.63
C VAL A 191 12.69 4.59 -10.56
N ILE A 192 12.97 5.90 -10.62
CA ILE A 192 12.21 6.80 -11.51
C ILE A 192 12.32 6.33 -12.96
N GLU A 193 13.53 5.98 -13.38
CA GLU A 193 13.77 5.44 -14.72
C GLU A 193 12.93 4.20 -15.04
N LYS A 194 12.93 3.24 -14.13
CA LYS A 194 12.17 2.01 -14.29
C LYS A 194 10.67 2.31 -14.34
N LEU A 195 10.21 3.16 -13.43
CA LEU A 195 8.80 3.54 -13.39
C LEU A 195 8.34 4.15 -14.71
N GLU A 196 9.17 5.02 -15.29
CA GLU A 196 8.84 5.67 -16.55
C GLU A 196 8.65 4.68 -17.71
N SER A 197 9.47 3.63 -17.74
CA SER A 197 9.33 2.57 -18.75
C SER A 197 8.09 1.73 -18.48
N LEU A 198 7.89 1.37 -17.21
CA LEU A 198 6.73 0.57 -16.83
C LEU A 198 5.42 1.34 -16.99
N GLN A 199 5.47 2.66 -16.80
CA GLN A 199 4.30 3.51 -17.04
C GLN A 199 3.96 3.52 -18.53
N ARG A 200 4.98 3.61 -19.37
CA ARG A 200 4.79 3.55 -20.83
C ARG A 200 4.29 2.18 -21.28
N ARG A 201 4.68 1.13 -20.55
CA ARG A 201 4.29 -0.24 -20.89
C ARG A 201 2.90 -0.61 -20.34
N PHE A 202 2.61 -0.26 -19.09
CA PHE A 202 1.39 -0.70 -18.41
C PHE A 202 0.39 0.41 -18.06
N GLY A 203 0.81 1.67 -18.20
CA GLY A 203 -0.04 2.82 -17.87
C GLY A 203 0.01 3.19 -16.41
N GLY A 204 -1.01 3.91 -15.96
CA GLY A 204 -1.15 4.29 -14.55
C GLY A 204 -0.35 5.52 -14.17
N GLY A 205 -0.30 5.79 -12.87
CA GLY A 205 0.47 6.90 -12.34
C GLY A 205 0.73 6.69 -10.86
N LEU A 206 1.55 7.57 -10.30
CA LEU A 206 1.91 7.51 -8.89
C LEU A 206 1.04 8.47 -8.06
N VAL A 207 0.51 7.96 -6.94
CA VAL A 207 -0.33 8.73 -6.04
C VAL A 207 0.21 8.62 -4.61
N ARG A 208 0.28 9.74 -3.91
CA ARG A 208 0.64 9.75 -2.50
C ARG A 208 -0.66 9.69 -1.69
N VAL A 209 -0.83 8.64 -0.89
CA VAL A 209 -2.01 8.49 -0.05
C VAL A 209 -1.75 9.28 1.24
N PRO A 210 -2.65 10.20 1.59
CA PRO A 210 -2.41 11.06 2.75
C PRO A 210 -2.47 10.35 4.12
N LEU A 211 -2.93 9.09 4.13
CA LEU A 211 -2.89 8.25 5.32
C LEU A 211 -1.48 7.72 5.62
N SER A 212 -0.60 7.78 4.62
CA SER A 212 0.80 7.38 4.84
C SER A 212 1.46 8.35 5.82
N ARG A 213 2.27 7.82 6.73
CA ARG A 213 3.00 8.65 7.68
C ARG A 213 4.15 9.39 7.01
N ASN A 214 4.51 10.52 7.59
CA ASN A 214 5.60 11.33 7.04
C ASN A 214 6.96 10.64 7.23
N SER A 215 6.98 9.53 7.96
CA SER A 215 8.18 8.72 8.16
C SER A 215 8.56 7.86 6.95
N ASN A 216 7.69 7.79 5.95
CA ASN A 216 8.03 7.12 4.68
C ASN A 216 7.59 7.96 3.50
N HIS A 217 8.15 7.65 2.33
CA HIS A 217 7.90 8.39 1.10
C HIS A 217 7.17 7.47 0.11
N GLU A 218 6.50 6.45 0.63
CA GLU A 218 5.84 5.46 -0.21
C GLU A 218 4.79 6.13 -1.09
N MET A 219 4.74 5.73 -2.35
CA MET A 219 3.70 6.18 -3.25
C MET A 219 3.14 4.96 -3.93
N TYR A 220 1.89 5.05 -4.38
CA TYR A 220 1.24 3.92 -4.99
C TYR A 220 1.11 4.12 -6.49
N TRP A 221 1.61 3.13 -7.23
CA TRP A 221 1.48 3.10 -8.67
C TRP A 221 0.14 2.45 -8.96
N VAL A 222 -0.78 3.25 -9.47
CA VAL A 222 -2.16 2.82 -9.64
C VAL A 222 -2.64 3.05 -11.06
N SER A 223 -3.51 2.16 -11.52
CA SER A 223 -4.00 2.16 -12.90
C SER A 223 -4.82 3.39 -13.30
N GLY A 224 -5.55 3.95 -12.34
CA GLY A 224 -6.45 5.07 -12.59
C GLY A 224 -5.80 6.44 -12.53
N ALA A 225 -4.51 6.47 -12.20
CA ALA A 225 -3.76 7.71 -12.20
C ALA A 225 -3.08 7.90 -13.54
N SER A 226 -2.55 9.09 -13.74
CA SER A 226 -1.74 9.42 -14.91
C SER A 226 -0.78 10.54 -14.55
N GLY A 227 0.01 10.96 -15.53
CA GLY A 227 0.82 12.15 -15.38
C GLY A 227 2.29 11.91 -15.04
N ASN A 228 3.05 13.00 -15.07
CA ASN A 228 4.49 12.98 -14.90
C ASN A 228 4.93 12.42 -13.55
N ILE A 229 5.67 11.32 -13.59
CA ILE A 229 6.16 10.65 -12.39
C ILE A 229 7.16 11.49 -11.60
N VAL A 230 8.11 12.09 -12.32
CA VAL A 230 9.13 12.94 -11.72
C VAL A 230 8.47 14.06 -10.88
N HIS A 231 7.54 14.76 -11.50
CA HIS A 231 6.85 15.86 -10.86
C HIS A 231 6.07 15.40 -9.62
N ALA A 232 5.32 14.32 -9.76
CA ALA A 232 4.52 13.77 -8.64
C ALA A 232 5.40 13.41 -7.45
N VAL A 233 6.52 12.75 -7.72
CA VAL A 233 7.46 12.37 -6.67
C VAL A 233 8.04 13.63 -6.03
N ASN A 234 8.45 14.59 -6.84
CA ASN A 234 9.04 15.83 -6.33
C ASN A 234 8.09 16.64 -5.44
N MET A 235 6.84 16.73 -5.85
CA MET A 235 5.85 17.42 -5.02
C MET A 235 5.61 16.72 -3.68
N THR A 236 5.64 15.39 -3.68
CA THR A 236 5.57 14.66 -2.42
C THR A 236 6.78 14.94 -1.53
N SER A 237 7.98 14.96 -2.11
CA SER A 237 9.20 15.23 -1.33
C SER A 237 9.13 16.59 -0.65
N GLN A 238 8.68 17.60 -1.40
CA GLN A 238 8.56 18.95 -0.89
C GLN A 238 7.52 19.11 0.22
N VAL A 239 6.39 18.44 0.07
CA VAL A 239 5.36 18.45 1.11
C VAL A 239 5.92 17.80 2.39
N LEU A 240 6.57 16.65 2.25
CA LEU A 240 7.18 15.95 3.39
C LEU A 240 8.26 16.80 4.10
N ILE A 241 9.16 17.37 3.32
CA ILE A 241 10.19 18.26 3.88
C ILE A 241 9.53 19.48 4.52
N GLY A 242 8.46 19.98 3.91
CA GLY A 242 7.71 21.11 4.45
C GLY A 242 7.08 20.85 5.81
N ARG A 243 6.83 19.60 6.14
CA ARG A 243 6.25 19.25 7.43
C ARG A 243 7.29 19.09 8.55
N MET A 244 8.58 19.14 8.21
CA MET A 244 9.66 19.06 9.19
C MET A 244 9.83 20.36 9.98
N ASP A 245 10.32 20.22 11.21
CA ASP A 245 10.70 21.36 12.06
C ASP A 245 9.67 22.49 12.13
N LYS A 246 8.39 22.12 12.27
CA LYS A 246 7.33 23.10 12.47
C LYS A 246 7.44 23.75 13.85
N LYS A 247 7.00 24.99 13.95
CA LYS A 247 7.02 25.71 15.23
C LYS A 247 5.96 25.17 16.19
N ILE A 248 4.81 24.81 15.63
CA ILE A 248 3.73 24.18 16.39
C ILE A 248 3.26 22.94 15.62
N TRP A 249 3.31 21.79 16.29
CA TRP A 249 2.78 20.56 15.70
C TRP A 249 1.27 20.56 15.84
N LYS A 250 0.56 20.50 14.72
CA LYS A 250 -0.90 20.47 14.72
C LYS A 250 -1.44 19.05 14.87
N GLY A 251 -0.65 18.07 14.48
CA GLY A 251 -1.03 16.68 14.61
C GLY A 251 -1.80 16.16 13.42
N PRO A 252 -2.33 14.94 13.52
CA PRO A 252 -3.09 14.34 12.44
C PRO A 252 -4.54 14.84 12.36
N LYS A 253 -5.19 14.48 11.26
CA LYS A 253 -6.61 14.69 11.06
C LYS A 253 -7.24 13.32 10.96
N TYR A 254 -8.35 13.12 11.66
CA TYR A 254 -8.92 11.79 11.83
C TYR A 254 -10.11 11.50 10.92
N GLU A 255 -10.17 10.25 10.45
CA GLU A 255 -11.33 9.76 9.72
C GLU A 255 -11.75 8.42 10.29
N GLU A 256 -13.05 8.13 10.18
CA GLU A 256 -13.63 6.86 10.62
C GLU A 256 -13.01 5.67 9.88
N ASP A 257 -12.81 4.55 10.57
CA ASP A 257 -12.24 3.35 9.95
C ASP A 257 -13.22 2.76 8.93
N VAL A 258 -12.73 1.84 8.12
CA VAL A 258 -13.56 1.20 7.11
C VAL A 258 -14.50 0.18 7.74
N ASN A 259 -15.73 0.12 7.22
CA ASN A 259 -16.74 -0.87 7.60
C ASN A 259 -16.75 -2.01 6.59
N LEU A 260 -16.43 -3.22 7.04
CA LEU A 260 -16.29 -4.37 6.13
C LEU A 260 -17.48 -5.35 6.21
N GLY A 261 -18.45 -5.03 7.06
CA GLY A 261 -19.67 -5.83 7.19
C GLY A 261 -19.39 -7.25 7.63
N SER A 262 -20.28 -8.16 7.26
CA SER A 262 -20.16 -9.54 7.68
C SER A 262 -20.82 -10.52 6.72
N GLY A 263 -20.43 -11.78 6.86
CA GLY A 263 -21.10 -12.90 6.21
C GLY A 263 -20.63 -13.19 4.80
N THR A 264 -21.11 -14.30 4.28
CA THR A 264 -20.77 -14.75 2.93
C THR A 264 -21.44 -13.87 1.87
N ARG A 265 -20.90 -13.92 0.66
CA ARG A 265 -21.44 -13.13 -0.45
C ARG A 265 -21.77 -13.98 -1.67
N ALA A 266 -22.71 -13.50 -2.47
CA ALA A 266 -22.92 -14.00 -3.82
C ALA A 266 -21.98 -13.25 -4.75
N VAL A 267 -21.57 -13.89 -5.84
CA VAL A 267 -20.77 -13.20 -6.86
C VAL A 267 -21.44 -13.37 -8.23
N GLY A 268 -21.14 -12.44 -9.13
CA GLY A 268 -21.72 -12.46 -10.48
C GLY A 268 -21.15 -13.60 -11.30
CL CL B . -24.60 -10.91 -1.24
CL CL C . -18.90 -2.85 9.47
CL CL D . 11.44 -5.33 0.28
S SO4 E . -2.73 -1.65 12.76
O1 SO4 E . -2.47 -1.99 11.36
O2 SO4 E . -1.45 -1.60 13.47
O3 SO4 E . -3.57 -2.67 13.38
O4 SO4 E . -3.39 -0.36 12.83
S SO4 F . 2.22 4.20 7.11
O1 SO4 F . 2.88 5.22 6.32
O2 SO4 F . 3.15 3.75 8.15
O3 SO4 F . 1.84 3.06 6.27
O4 SO4 F . 1.02 4.76 7.72
S SO4 G . -17.19 2.76 4.53
O1 SO4 G . -16.82 1.93 3.40
O2 SO4 G . -16.53 2.25 5.73
O3 SO4 G . -18.63 2.77 4.73
O4 SO4 G . -16.74 4.13 4.28
S SO4 H . -3.31 4.90 -18.97
O1 SO4 H . -4.71 4.94 -19.42
O2 SO4 H . -2.87 6.25 -18.67
O3 SO4 H . -2.47 4.33 -20.02
O4 SO4 H . -3.22 4.08 -17.77
S SO4 I . 0.60 20.56 4.73
O1 SO4 I . 1.93 19.97 4.86
O2 SO4 I . -0.41 19.58 4.33
O3 SO4 I . 0.68 21.60 3.72
O4 SO4 I . 0.20 21.12 6.02
S SO4 J . 6.97 4.46 11.21
O1 SO4 J . 8.17 4.37 10.39
O2 SO4 J . 7.14 3.63 12.41
O3 SO4 J . 5.81 3.98 10.46
O4 SO4 J . 6.76 5.83 11.60
S SO4 K . 0.41 -11.17 13.13
O1 SO4 K . 0.38 -12.18 12.08
O2 SO4 K . 1.44 -11.53 14.11
O3 SO4 K . -0.89 -11.10 13.79
O4 SO4 K . 0.73 -9.86 12.57
UNK UNX L . 8.87 -13.96 -11.51
UNK UNX M . 7.04 -12.49 -10.76
UNK UNX N . 6.90 -14.55 -12.79
UNK UNX O . 6.38 -16.45 -14.22
UNK UNX P . 13.85 -13.61 -9.01
UNK UNX Q . 10.83 -12.00 -11.12
UNK UNX R . 14.11 -16.04 -9.24
UNK UNX S . 15.24 -11.99 -7.55
UNK UNX T . 12.18 -11.70 -9.06
N SAH U . -1.82 -4.56 2.39
CA SAH U . -1.65 -5.29 3.68
CB SAH U . -0.34 -4.90 4.35
CG SAH U . 0.86 -5.61 3.76
SD SAH U . 2.37 -5.08 4.57
C SAH U . -2.79 -4.98 4.65
O SAH U . -3.67 -4.20 4.34
OXT SAH U . -2.84 -5.52 5.77
C5' SAH U . 3.44 -5.98 3.42
C4' SAH U . 3.51 -7.49 3.71
O4' SAH U . 4.33 -8.11 2.74
C3' SAH U . 4.09 -7.84 5.08
O3' SAH U . 3.17 -8.59 5.82
C2' SAH U . 5.32 -8.68 4.79
O2' SAH U . 5.43 -9.77 5.68
C1' SAH U . 5.05 -9.15 3.37
N9 SAH U . 6.25 -9.46 2.57
C8 SAH U . 7.46 -8.82 2.56
N7 SAH U . 8.26 -9.45 1.69
C5 SAH U . 7.60 -10.48 1.14
C6 SAH U . 7.95 -11.44 0.19
N6 SAH U . 9.16 -11.45 -0.36
N1 SAH U . 7.01 -12.38 -0.17
C2 SAH U . 5.74 -12.38 0.39
N3 SAH U . 5.40 -11.43 1.33
C4 SAH U . 6.32 -10.50 1.69
C1 GOL V . 7.52 -11.64 -18.98
O1 GOL V . 6.18 -11.34 -19.30
C2 GOL V . 7.93 -13.03 -19.48
O2 GOL V . 6.94 -13.59 -20.31
C3 GOL V . 8.25 -14.00 -18.34
O3 GOL V . 7.19 -14.13 -17.42
#